data_4WD2
#
_entry.id   4WD2
#
_cell.length_a   59.220
_cell.length_b   59.220
_cell.length_c   200.270
_cell.angle_alpha   90.000
_cell.angle_beta   90.000
_cell.angle_gamma   120.000
#
_symmetry.space_group_name_H-M   'P 31 1 2'
#
loop_
_entity.id
_entity.type
_entity.pdbx_description
1 polymer 'Aromatic-amino-acid transaminase TyrB'
2 non-polymer GLYCEROL
3 water water
#
_entity_poly.entity_id   1
_entity_poly.type   'polypeptide(L)'
_entity_poly.pdbx_seq_one_letter_code
;MAHHHHHHMFEHIDAYPGDPILTLNENFQKDPRDQKVNLSIGIYFDAEGRIPVMGAVREAETALQRDSGPKPYLPMVGLA
AYRDAVQSLVFGADHPARAAGRIATLQTLGGSGALKVGADFLKRYFPDSQVWLSDPSWENHRFIFERAGFTVNTYPYYDE
ATGGLKFDAMLAAIDALPARSIVLLHACCHNPTGVDLDEGQWEKLIDVIEARELLPFVDMAYQGFGAGLDADAFAVRELA
RRGVPTLVANSFS(LLP)NFSLYGERVGGLSVVCEDAAAAERVLGQLAGAVRSNYSNPQTYGAKVVAAVLGTPALRKQWE
EELSAMCRRIARMRQSIHDGLRDHVSGEALTRYVKQRGMFTYTGLTESQVDALREVHGVYILRSGRMCVAGLNDSNVGIV
ADAIGKVLKSGA
;
_entity_poly.pdbx_strand_id   A
#
# COMPACT_ATOMS: atom_id res chain seq x y z
N HIS A 8 -36.36 21.35 -4.97
CA HIS A 8 -35.87 20.18 -5.69
C HIS A 8 -34.43 20.38 -6.14
N MET A 9 -33.67 21.21 -5.43
CA MET A 9 -32.32 21.55 -5.86
C MET A 9 -31.43 20.32 -6.03
N PHE A 10 -31.58 19.34 -5.16
CA PHE A 10 -30.74 18.15 -5.21
C PHE A 10 -31.48 16.92 -5.71
N GLU A 11 -32.46 17.12 -6.57
CA GLU A 11 -33.29 16.02 -7.04
C GLU A 11 -32.52 15.09 -7.98
N HIS A 12 -31.39 15.57 -8.51
CA HIS A 12 -30.64 14.79 -9.49
C HIS A 12 -29.36 14.19 -8.90
N ILE A 13 -29.14 14.40 -7.60
CA ILE A 13 -28.03 13.75 -6.92
C ILE A 13 -28.33 12.27 -6.74
N ASP A 14 -27.57 11.43 -7.43
CA ASP A 14 -27.77 10.00 -7.35
C ASP A 14 -27.25 9.45 -6.03
N ALA A 15 -27.86 8.37 -5.56
CA ALA A 15 -27.43 7.71 -4.34
C ALA A 15 -26.07 7.04 -4.52
N TYR A 16 -25.21 7.16 -3.51
CA TYR A 16 -23.90 6.52 -3.55
C TYR A 16 -24.07 5.01 -3.32
N PRO A 17 -23.44 4.19 -4.18
CA PRO A 17 -23.56 2.73 -4.11
C PRO A 17 -23.18 2.16 -2.74
N GLY A 18 -23.97 1.23 -2.23
CA GLY A 18 -23.67 0.60 -0.95
C GLY A 18 -22.34 -0.13 -1.00
N ASP A 19 -21.67 -0.25 0.15
CA ASP A 19 -20.40 -0.95 0.23
C ASP A 19 -20.60 -2.43 0.59
N PRO A 20 -20.38 -3.32 -0.39
CA PRO A 20 -20.58 -4.76 -0.19
C PRO A 20 -19.75 -5.34 0.96
N ILE A 21 -18.58 -4.78 1.21
CA ILE A 21 -17.74 -5.23 2.32
C ILE A 21 -18.43 -4.93 3.65
N LEU A 22 -19.05 -3.75 3.75
CA LEU A 22 -19.80 -3.38 4.94
C LEU A 22 -20.94 -4.38 5.17
N THR A 23 -21.66 -4.69 4.10
CA THR A 23 -22.72 -5.69 4.13
C THR A 23 -22.18 -7.03 4.56
N LEU A 24 -21.00 -7.37 4.03
CA LEU A 24 -20.37 -8.65 4.34
C LEU A 24 -20.02 -8.73 5.82
N ASN A 25 -19.48 -7.63 6.35
CA ASN A 25 -19.08 -7.62 7.75
C ASN A 25 -20.28 -7.60 8.68
N GLU A 26 -21.40 -7.05 8.21
CA GLU A 26 -22.64 -7.08 8.98
C GLU A 26 -23.15 -8.52 9.10
N ASN A 27 -22.94 -9.30 8.04
CA ASN A 27 -23.34 -10.70 8.04
C ASN A 27 -22.42 -11.53 8.93
N PHE A 28 -21.17 -11.11 9.02
CA PHE A 28 -20.21 -11.78 9.88
C PHE A 28 -20.55 -11.57 11.34
N GLN A 29 -21.02 -10.37 11.67
CA GLN A 29 -21.41 -10.04 13.04
C GLN A 29 -22.62 -10.87 13.49
N LYS A 30 -23.63 -10.97 12.62
CA LYS A 30 -24.84 -11.73 12.92
C LYS A 30 -24.60 -13.25 12.94
N ASP A 31 -23.57 -13.71 12.22
CA ASP A 31 -23.20 -15.12 12.19
C ASP A 31 -23.02 -15.66 13.61
N PRO A 32 -23.86 -16.63 14.00
CA PRO A 32 -23.89 -17.17 15.36
C PRO A 32 -22.81 -18.20 15.66
N ARG A 33 -22.08 -18.62 14.63
CA ARG A 33 -21.14 -19.74 14.78
C ARG A 33 -19.86 -19.32 15.51
N ASP A 34 -19.50 -20.09 16.53
CA ASP A 34 -18.40 -19.73 17.42
C ASP A 34 -17.05 -19.76 16.71
N GLN A 35 -16.95 -20.56 15.64
CA GLN A 35 -15.67 -20.75 14.98
C GLN A 35 -15.52 -19.90 13.73
N LYS A 36 -16.38 -18.90 13.57
CA LYS A 36 -16.30 -18.03 12.41
C LYS A 36 -14.97 -17.30 12.36
N VAL A 37 -14.48 -17.04 11.14
CA VAL A 37 -13.21 -16.34 10.95
C VAL A 37 -13.36 -15.27 9.88
N ASN A 38 -12.93 -14.05 10.21
CA ASN A 38 -13.01 -12.92 9.30
C ASN A 38 -11.64 -12.57 8.74
N LEU A 39 -11.48 -12.69 7.43
CA LEU A 39 -10.23 -12.34 6.78
C LEU A 39 -10.50 -11.32 5.69
N SER A 40 -11.59 -10.57 5.85
CA SER A 40 -12.02 -9.61 4.84
C SER A 40 -11.51 -8.19 5.13
N ILE A 41 -11.14 -7.92 6.38
CA ILE A 41 -10.65 -6.59 6.73
C ILE A 41 -9.13 -6.47 6.46
N GLY A 42 -8.78 -5.57 5.54
CA GLY A 42 -7.41 -5.48 5.05
C GLY A 42 -6.52 -4.56 5.87
N ILE A 43 -6.30 -4.92 7.12
CA ILE A 43 -5.39 -4.20 8.00
C ILE A 43 -4.63 -5.23 8.83
N TYR A 44 -3.54 -4.80 9.49
CA TYR A 44 -2.77 -5.74 10.30
C TYR A 44 -3.39 -5.99 11.67
N PHE A 45 -3.55 -7.27 12.01
CA PHE A 45 -3.91 -7.70 13.36
C PHE A 45 -2.73 -8.47 13.95
N ASP A 46 -2.58 -8.46 15.26
CA ASP A 46 -1.45 -9.15 15.88
C ASP A 46 -1.78 -10.60 16.20
N ALA A 47 -0.94 -11.24 17.00
CA ALA A 47 -1.10 -12.65 17.34
C ALA A 47 -2.42 -12.92 18.06
N GLU A 48 -2.96 -11.90 18.71
CA GLU A 48 -4.18 -12.05 19.47
C GLU A 48 -5.40 -11.54 18.69
N GLY A 49 -5.20 -11.22 17.41
CA GLY A 49 -6.28 -10.75 16.56
C GLY A 49 -6.73 -9.32 16.86
N ARG A 50 -5.86 -8.53 17.49
CA ARG A 50 -6.17 -7.14 17.79
C ARG A 50 -5.36 -6.19 16.90
N ILE A 51 -5.91 -5.01 16.65
CA ILE A 51 -5.15 -3.93 16.04
C ILE A 51 -4.17 -3.37 17.07
N PRO A 52 -2.86 -3.51 16.82
CA PRO A 52 -1.91 -3.10 17.87
C PRO A 52 -1.69 -1.60 17.97
N VAL A 53 -1.27 -1.18 19.16
CA VAL A 53 -0.64 0.12 19.35
C VAL A 53 0.85 -0.14 19.52
N MET A 54 1.66 0.25 18.54
CA MET A 54 3.06 -0.11 18.58
C MET A 54 3.74 0.54 19.78
N GLY A 55 4.64 -0.21 20.43
CA GLY A 55 5.35 0.26 21.59
C GLY A 55 6.01 1.60 21.40
N ALA A 56 6.68 1.77 20.26
CA ALA A 56 7.38 3.01 19.95
C ALA A 56 6.40 4.16 19.81
N VAL A 57 5.22 3.87 19.27
CA VAL A 57 4.21 4.90 19.07
C VAL A 57 3.63 5.34 20.41
N ARG A 58 3.32 4.38 21.28
CA ARG A 58 2.83 4.68 22.62
C ARG A 58 3.84 5.52 23.39
N GLU A 59 5.11 5.14 23.32
CA GLU A 59 6.17 5.83 24.04
C GLU A 59 6.35 7.25 23.54
N ALA A 60 6.24 7.45 22.23
CA ALA A 60 6.33 8.79 21.64
C ALA A 60 5.16 9.67 22.08
N GLU A 61 3.96 9.11 22.03
CA GLU A 61 2.74 9.80 22.46
C GLU A 61 2.84 10.24 23.92
N THR A 62 3.35 9.33 24.76
CA THR A 62 3.62 9.64 26.16
C THR A 62 4.53 10.86 26.30
N ALA A 63 5.63 10.88 25.54
CA ALA A 63 6.58 11.99 25.61
C ALA A 63 5.96 13.29 25.08
N LEU A 64 5.20 13.19 23.99
CA LEU A 64 4.56 14.36 23.40
C LEU A 64 3.52 14.97 24.32
N GLN A 65 2.91 14.13 25.16
CA GLN A 65 1.86 14.54 26.07
C GLN A 65 2.39 15.49 27.13
N ARG A 66 3.63 15.29 27.53
CA ARG A 66 4.27 16.14 28.52
C ARG A 66 4.70 17.46 27.90
N ASP A 67 4.35 17.66 26.63
CA ASP A 67 4.63 18.91 25.94
C ASP A 67 3.34 19.52 25.37
N SER A 68 2.61 20.23 26.23
CA SER A 68 1.37 20.87 25.81
C SER A 68 1.59 22.33 25.39
N GLY A 69 1.82 22.53 24.09
CA GLY A 69 1.98 23.86 23.54
C GLY A 69 0.91 24.18 22.51
N PRO A 70 0.94 25.42 21.98
CA PRO A 70 -0.06 25.87 21.00
C PRO A 70 0.04 25.09 19.70
N LYS A 71 -1.01 25.14 18.88
CA LYS A 71 -1.01 24.40 17.63
C LYS A 71 -1.23 25.32 16.43
N PRO A 72 -0.17 26.04 16.01
CA PRO A 72 -0.28 26.91 14.84
C PRO A 72 -0.33 26.11 13.53
N TYR A 73 -0.71 26.78 12.46
CA TYR A 73 -0.69 26.16 11.14
C TYR A 73 0.71 25.68 10.80
N LEU A 74 0.80 24.47 10.27
CA LEU A 74 2.02 23.97 9.69
C LEU A 74 2.18 24.59 8.29
N PRO A 75 3.40 24.51 7.71
CA PRO A 75 3.59 24.86 6.30
C PRO A 75 2.72 23.99 5.40
N MET A 76 2.41 24.45 4.19
CA MET A 76 1.65 23.65 3.23
C MET A 76 2.25 22.26 3.05
N VAL A 77 3.57 22.17 3.04
CA VAL A 77 4.26 20.89 2.84
C VAL A 77 4.38 20.09 4.13
N GLY A 78 3.91 20.66 5.23
CA GLY A 78 3.97 19.97 6.51
C GLY A 78 5.23 20.21 7.31
N LEU A 79 5.40 19.42 8.36
CA LEU A 79 6.51 19.53 9.30
C LEU A 79 7.85 19.20 8.65
N ALA A 80 8.82 20.10 8.79
CA ALA A 80 10.13 19.94 8.17
C ALA A 80 10.86 18.69 8.64
N ALA A 81 10.81 18.43 9.95
CA ALA A 81 11.46 17.27 10.52
C ALA A 81 10.83 15.97 10.02
N TYR A 82 9.50 15.97 9.88
CA TYR A 82 8.77 14.83 9.32
C TYR A 82 9.20 14.55 7.88
N ARG A 83 9.17 15.57 7.03
CA ARG A 83 9.57 15.45 5.62
C ARG A 83 10.96 14.86 5.45
N ASP A 84 11.90 15.33 6.26
CA ASP A 84 13.27 14.85 6.17
C ASP A 84 13.38 13.40 6.62
N ALA A 85 12.69 13.07 7.71
CA ALA A 85 12.69 11.71 8.24
C ALA A 85 12.05 10.76 7.24
N VAL A 86 10.92 11.16 6.66
CA VAL A 86 10.24 10.34 5.68
C VAL A 86 11.10 10.11 4.45
N GLN A 87 11.75 11.17 3.96
CA GLN A 87 12.59 11.05 2.77
C GLN A 87 13.76 10.09 3.01
N SER A 88 14.37 10.21 4.18
CA SER A 88 15.47 9.33 4.58
C SER A 88 15.00 7.88 4.71
N LEU A 89 13.84 7.67 5.33
CA LEU A 89 13.31 6.33 5.50
C LEU A 89 13.03 5.65 4.16
N VAL A 90 12.42 6.40 3.24
CA VAL A 90 12.03 5.85 1.95
C VAL A 90 13.20 5.58 1.00
N PHE A 91 14.11 6.54 0.89
CA PHE A 91 15.19 6.43 -0.10
C PHE A 91 16.50 5.92 0.50
N GLY A 92 16.58 5.92 1.82
CA GLY A 92 17.82 5.62 2.50
C GLY A 92 18.56 6.92 2.72
N ALA A 93 19.12 7.07 3.93
CA ALA A 93 19.86 8.27 4.31
C ALA A 93 20.95 8.63 3.31
N ASP A 94 21.63 7.63 2.77
CA ASP A 94 22.79 7.87 1.91
C ASP A 94 22.45 7.97 0.42
N HIS A 95 21.16 8.08 0.10
CA HIS A 95 20.78 8.05 -1.31
C HIS A 95 21.33 9.28 -2.03
N PRO A 96 21.96 9.08 -3.20
CA PRO A 96 22.56 10.20 -3.93
C PRO A 96 21.55 11.26 -4.38
N ALA A 97 20.32 10.85 -4.69
CA ALA A 97 19.29 11.80 -5.09
C ALA A 97 18.89 12.68 -3.91
N ARG A 98 18.98 12.12 -2.70
CA ARG A 98 18.72 12.88 -1.49
C ARG A 98 19.84 13.88 -1.24
N ALA A 99 21.09 13.44 -1.41
CA ALA A 99 22.24 14.32 -1.19
C ALA A 99 22.29 15.46 -2.21
N ALA A 100 21.84 15.19 -3.42
CA ALA A 100 21.89 16.18 -4.50
C ALA A 100 20.64 17.08 -4.55
N GLY A 101 19.76 16.93 -3.57
CA GLY A 101 18.57 17.75 -3.50
C GLY A 101 17.58 17.59 -4.65
N ARG A 102 17.57 16.40 -5.25
CA ARG A 102 16.71 16.11 -6.40
C ARG A 102 15.33 15.59 -6.01
N ILE A 103 15.04 15.52 -4.72
CA ILE A 103 13.76 14.96 -4.26
C ILE A 103 12.90 15.98 -3.53
N ALA A 104 11.72 16.27 -4.07
CA ALA A 104 10.75 17.09 -3.35
C ALA A 104 9.85 16.20 -2.49
N THR A 105 9.90 16.38 -1.17
CA THR A 105 9.07 15.60 -0.25
C THR A 105 8.15 16.48 0.61
N LEU A 106 6.88 16.08 0.71
CA LEU A 106 5.96 16.73 1.63
C LEU A 106 5.11 15.73 2.41
N GLN A 107 4.60 16.19 3.55
CA GLN A 107 3.69 15.43 4.40
C GLN A 107 2.30 15.38 3.77
N THR A 108 1.67 14.21 3.82
CA THR A 108 0.36 14.03 3.20
C THR A 108 -0.62 13.34 4.13
N LEU A 109 -1.89 13.36 3.74
CA LEU A 109 -2.94 12.69 4.50
CA LEU A 109 -2.96 12.69 4.48
C LEU A 109 -3.01 11.21 4.11
N GLY A 110 -2.13 10.42 4.72
CA GLY A 110 -2.01 9.01 4.40
C GLY A 110 -1.41 8.83 3.02
N GLY A 111 -1.38 7.59 2.56
CA GLY A 111 -0.94 7.31 1.20
C GLY A 111 -1.96 7.83 0.19
N SER A 112 -3.23 7.84 0.58
CA SER A 112 -4.30 8.37 -0.27
C SER A 112 -4.06 9.82 -0.61
N GLY A 113 -3.77 10.60 0.41
CA GLY A 113 -3.51 12.03 0.24
C GLY A 113 -2.34 12.28 -0.68
N ALA A 114 -1.35 11.39 -0.63
CA ALA A 114 -0.18 11.52 -1.49
C ALA A 114 -0.56 11.24 -2.94
N LEU A 115 -1.41 10.24 -3.15
CA LEU A 115 -1.88 9.90 -4.48
C LEU A 115 -2.69 11.06 -5.06
N LYS A 116 -3.52 11.68 -4.22
CA LYS A 116 -4.36 12.80 -4.63
C LYS A 116 -3.53 14.02 -5.01
N VAL A 117 -2.62 14.43 -4.13
CA VAL A 117 -1.81 15.62 -4.38
C VAL A 117 -0.98 15.41 -5.64
N GLY A 118 -0.40 14.21 -5.76
CA GLY A 118 0.34 13.84 -6.95
C GLY A 118 -0.50 13.89 -8.21
N ALA A 119 -1.70 13.29 -8.16
CA ALA A 119 -2.62 13.29 -9.30
C ALA A 119 -3.02 14.71 -9.73
N ASP A 120 -3.30 15.57 -8.75
CA ASP A 120 -3.72 16.94 -9.06
C ASP A 120 -2.57 17.75 -9.71
N PHE A 121 -1.36 17.58 -9.20
CA PHE A 121 -0.16 18.18 -9.80
C PHE A 121 0.05 17.66 -11.22
N LEU A 122 -0.04 16.34 -11.41
CA LEU A 122 0.16 15.73 -12.72
C LEU A 122 -0.89 16.16 -13.74
N LYS A 123 -2.14 16.27 -13.32
CA LYS A 123 -3.23 16.68 -14.23
C LYS A 123 -2.99 18.09 -14.75
N ARG A 124 -2.44 18.92 -13.88
CA ARG A 124 -2.23 20.33 -14.21
C ARG A 124 -1.09 20.50 -15.20
N TYR A 125 -0.07 19.65 -15.08
CA TYR A 125 1.12 19.81 -15.92
C TYR A 125 1.26 18.74 -16.99
N PHE A 126 0.49 17.67 -16.88
CA PHE A 126 0.46 16.64 -17.92
C PHE A 126 -0.98 16.23 -18.27
N PRO A 127 -1.80 17.20 -18.72
CA PRO A 127 -3.25 16.99 -18.85
C PRO A 127 -3.65 15.94 -19.89
N ASP A 128 -2.78 15.69 -20.86
CA ASP A 128 -3.11 14.76 -21.93
C ASP A 128 -2.58 13.34 -21.67
N SER A 129 -1.78 13.19 -20.61
CA SER A 129 -1.33 11.87 -20.19
C SER A 129 -2.49 11.04 -19.68
N GLN A 130 -2.42 9.74 -19.89
CA GLN A 130 -3.40 8.84 -19.30
C GLN A 130 -2.74 7.99 -18.23
N VAL A 131 -3.53 7.28 -17.43
CA VAL A 131 -2.99 6.52 -16.31
C VAL A 131 -3.18 5.02 -16.54
N TRP A 132 -2.16 4.24 -16.22
CA TRP A 132 -2.22 2.77 -16.30
C TRP A 132 -1.98 2.12 -14.95
N LEU A 133 -2.92 1.29 -14.50
CA LEU A 133 -2.72 0.53 -13.26
CA LEU A 133 -2.79 0.53 -13.25
C LEU A 133 -2.70 -0.97 -13.52
N SER A 134 -2.30 -1.73 -12.51
CA SER A 134 -2.20 -3.18 -12.66
C SER A 134 -3.57 -3.83 -12.71
N ASP A 135 -3.65 -4.97 -13.38
CA ASP A 135 -4.85 -5.78 -13.36
C ASP A 135 -4.67 -6.97 -12.43
N PRO A 136 -5.26 -6.91 -11.21
CA PRO A 136 -6.06 -5.84 -10.61
C PRO A 136 -5.20 -4.89 -9.78
N SER A 137 -5.82 -3.92 -9.12
CA SER A 137 -5.08 -3.01 -8.26
C SER A 137 -5.92 -2.57 -7.07
N TRP A 138 -5.34 -1.75 -6.20
CA TRP A 138 -6.04 -1.20 -5.05
C TRP A 138 -7.35 -0.55 -5.49
N GLU A 139 -8.42 -0.86 -4.76
CA GLU A 139 -9.77 -0.46 -5.12
C GLU A 139 -9.99 1.04 -5.32
N ASN A 140 -9.12 1.88 -4.77
CA ASN A 140 -9.33 3.31 -4.87
C ASN A 140 -8.40 4.03 -5.87
N HIS A 141 -7.54 3.27 -6.53
CA HIS A 141 -6.64 3.84 -7.54
C HIS A 141 -7.42 4.44 -8.70
N ARG A 142 -8.35 3.67 -9.26
CA ARG A 142 -9.14 4.16 -10.39
C ARG A 142 -9.97 5.35 -9.98
N PHE A 143 -10.57 5.26 -8.80
CA PHE A 143 -11.46 6.31 -8.30
C PHE A 143 -10.73 7.63 -8.16
N ILE A 144 -9.59 7.62 -7.47
CA ILE A 144 -8.83 8.84 -7.23
C ILE A 144 -8.38 9.48 -8.55
N PHE A 145 -7.79 8.69 -9.45
CA PHE A 145 -7.24 9.27 -10.67
C PHE A 145 -8.32 9.67 -11.71
N GLU A 146 -9.39 8.90 -11.81
CA GLU A 146 -10.48 9.30 -12.69
C GLU A 146 -11.17 10.58 -12.17
N ARG A 147 -11.38 10.68 -10.86
CA ARG A 147 -11.98 11.89 -10.30
C ARG A 147 -11.03 13.09 -10.37
N ALA A 148 -9.74 12.81 -10.49
CA ALA A 148 -8.72 13.86 -10.69
C ALA A 148 -8.62 14.30 -12.16
N GLY A 149 -9.36 13.63 -13.03
CA GLY A 149 -9.45 14.04 -14.42
C GLY A 149 -8.72 13.17 -15.43
N PHE A 150 -8.23 12.01 -15.01
CA PHE A 150 -7.48 11.13 -15.91
C PHE A 150 -8.31 9.99 -16.47
N THR A 151 -8.08 9.70 -17.75
CA THR A 151 -8.50 8.42 -18.33
C THR A 151 -7.61 7.33 -17.76
N VAL A 152 -8.22 6.28 -17.23
CA VAL A 152 -7.48 5.26 -16.51
C VAL A 152 -7.58 3.92 -17.22
N ASN A 153 -6.42 3.32 -17.48
CA ASN A 153 -6.32 2.03 -18.15
C ASN A 153 -5.59 1.00 -17.31
N THR A 154 -5.52 -0.22 -17.81
CA THR A 154 -4.85 -1.30 -17.09
C THR A 154 -3.74 -1.94 -17.91
N TYR A 155 -2.81 -2.60 -17.22
CA TYR A 155 -1.82 -3.45 -17.86
C TYR A 155 -1.92 -4.84 -17.26
N PRO A 156 -1.54 -5.88 -18.02
CA PRO A 156 -1.58 -7.25 -17.47
C PRO A 156 -0.71 -7.37 -16.24
N TYR A 157 -1.16 -8.14 -15.25
CA TYR A 157 -0.36 -8.28 -14.04
C TYR A 157 -0.58 -9.65 -13.40
N TYR A 158 -1.72 -9.84 -12.75
CA TYR A 158 -1.98 -11.10 -12.07
C TYR A 158 -2.23 -12.20 -13.07
N ASP A 159 -1.69 -13.38 -12.78
CA ASP A 159 -1.87 -14.53 -13.65
C ASP A 159 -2.80 -15.52 -12.95
N GLU A 160 -4.06 -15.53 -13.37
CA GLU A 160 -5.09 -16.40 -12.80
C GLU A 160 -4.66 -17.86 -12.73
N ALA A 161 -3.93 -18.32 -13.74
CA ALA A 161 -3.59 -19.74 -13.83
C ALA A 161 -2.46 -20.12 -12.87
N THR A 162 -1.57 -19.19 -12.56
CA THR A 162 -0.41 -19.52 -11.74
C THR A 162 -0.52 -18.98 -10.31
N GLY A 163 -1.32 -17.93 -10.14
CA GLY A 163 -1.36 -17.22 -8.88
C GLY A 163 -0.14 -16.34 -8.79
N GLY A 164 0.49 -16.14 -9.94
CA GLY A 164 1.74 -15.39 -10.04
C GLY A 164 1.65 -14.18 -10.94
N LEU A 165 2.75 -13.89 -11.62
CA LEU A 165 2.87 -12.65 -12.38
C LEU A 165 3.01 -12.88 -13.89
N LYS A 166 2.22 -12.15 -14.67
CA LYS A 166 2.38 -12.16 -16.12
C LYS A 166 3.41 -11.13 -16.53
N PHE A 167 4.66 -11.36 -16.18
CA PHE A 167 5.66 -10.31 -16.36
C PHE A 167 5.94 -9.95 -17.81
N ASP A 168 5.98 -10.95 -18.69
CA ASP A 168 6.22 -10.68 -20.10
C ASP A 168 5.11 -9.79 -20.68
N ALA A 169 3.85 -10.10 -20.35
CA ALA A 169 2.71 -9.33 -20.85
C ALA A 169 2.68 -7.93 -20.23
N MET A 170 3.00 -7.84 -18.95
CA MET A 170 3.11 -6.57 -18.24
C MET A 170 4.16 -5.67 -18.90
N LEU A 171 5.33 -6.23 -19.15
CA LEU A 171 6.45 -5.48 -19.72
C LEU A 171 6.17 -5.02 -21.16
N ALA A 172 5.55 -5.90 -21.95
CA ALA A 172 5.22 -5.57 -23.33
C ALA A 172 4.13 -4.48 -23.41
N ALA A 173 3.14 -4.55 -22.53
CA ALA A 173 2.09 -3.53 -22.51
C ALA A 173 2.66 -2.17 -22.14
N ILE A 174 3.53 -2.14 -21.13
CA ILE A 174 4.11 -0.89 -20.66
C ILE A 174 5.10 -0.33 -21.69
N ASP A 175 5.83 -1.22 -22.36
CA ASP A 175 6.75 -0.82 -23.41
C ASP A 175 6.07 -0.12 -24.58
N ALA A 176 4.77 -0.33 -24.71
CA ALA A 176 4.02 0.20 -25.85
C ALA A 176 3.39 1.56 -25.56
N LEU A 177 3.58 2.08 -24.35
CA LEU A 177 2.95 3.34 -23.97
C LEU A 177 3.69 4.55 -24.53
N PRO A 178 2.93 5.62 -24.84
CA PRO A 178 3.54 6.86 -25.32
C PRO A 178 4.27 7.57 -24.18
N ALA A 179 5.18 8.47 -24.53
CA ALA A 179 5.91 9.24 -23.54
C ALA A 179 4.96 9.97 -22.60
N ARG A 180 5.39 10.05 -21.34
CA ARG A 180 4.70 10.74 -20.25
C ARG A 180 3.42 10.06 -19.79
N SER A 181 3.21 8.82 -20.21
CA SER A 181 2.16 7.99 -19.64
C SER A 181 2.43 7.77 -18.17
N ILE A 182 1.39 7.90 -17.35
CA ILE A 182 1.54 7.73 -15.91
C ILE A 182 1.29 6.27 -15.53
N VAL A 183 2.30 5.61 -14.97
CA VAL A 183 2.19 4.19 -14.65
C VAL A 183 2.20 3.97 -13.14
N LEU A 184 1.04 3.59 -12.60
CA LEU A 184 0.92 3.30 -11.17
C LEU A 184 1.51 1.92 -10.87
N LEU A 185 2.48 1.89 -9.98
CA LEU A 185 3.17 0.64 -9.65
C LEU A 185 3.18 0.41 -8.14
N HIS A 186 2.84 -0.80 -7.73
CA HIS A 186 3.01 -1.19 -6.33
C HIS A 186 4.49 -1.45 -6.10
N ALA A 187 5.06 -0.83 -5.07
CA ALA A 187 6.48 -1.03 -4.76
C ALA A 187 6.76 -2.47 -4.33
N CYS A 188 5.82 -3.04 -3.58
CA CYS A 188 5.91 -4.40 -3.07
C CYS A 188 4.61 -4.67 -2.33
N CYS A 189 4.43 -5.89 -1.84
CA CYS A 189 3.24 -6.25 -1.06
C CYS A 189 1.96 -5.85 -1.78
N HIS A 190 1.81 -6.37 -3.01
CA HIS A 190 0.73 -5.95 -3.89
C HIS A 190 -0.65 -6.12 -3.25
N ASN A 191 -1.47 -5.10 -3.40
CA ASN A 191 -2.84 -5.12 -2.93
C ASN A 191 -3.73 -5.09 -4.18
N PRO A 192 -4.55 -6.14 -4.38
CA PRO A 192 -4.97 -7.22 -3.49
C PRO A 192 -4.28 -8.58 -3.63
N THR A 193 -3.33 -8.75 -4.53
CA THR A 193 -2.94 -10.10 -4.94
C THR A 193 -1.73 -10.68 -4.21
N GLY A 194 -0.88 -9.81 -3.67
CA GLY A 194 0.34 -10.26 -3.02
C GLY A 194 1.41 -10.70 -4.02
N VAL A 195 1.12 -10.57 -5.32
CA VAL A 195 2.12 -10.92 -6.32
C VAL A 195 3.06 -9.74 -6.57
N ASP A 196 4.36 -9.97 -6.34
CA ASP A 196 5.38 -8.91 -6.49
C ASP A 196 6.39 -9.22 -7.60
N LEU A 197 6.96 -8.17 -8.19
CA LEU A 197 8.10 -8.34 -9.07
C LEU A 197 9.33 -8.68 -8.24
N ASP A 198 10.26 -9.44 -8.81
CA ASP A 198 11.57 -9.59 -8.17
C ASP A 198 12.49 -8.49 -8.68
N GLU A 199 13.67 -8.37 -8.08
CA GLU A 199 14.58 -7.26 -8.39
C GLU A 199 15.14 -7.29 -9.80
N GLY A 200 15.16 -8.48 -10.41
CA GLY A 200 15.56 -8.61 -11.80
C GLY A 200 14.48 -8.08 -12.72
N GLN A 201 13.23 -8.44 -12.44
CA GLN A 201 12.09 -7.94 -13.21
C GLN A 201 11.98 -6.42 -13.04
N TRP A 202 12.26 -5.93 -11.85
CA TRP A 202 12.28 -4.48 -11.61
C TRP A 202 13.28 -3.77 -12.49
N GLU A 203 14.50 -4.28 -12.57
CA GLU A 203 15.51 -3.64 -13.42
C GLU A 203 15.06 -3.59 -14.88
N LYS A 204 14.48 -4.69 -15.36
CA LYS A 204 13.99 -4.75 -16.75
C LYS A 204 12.84 -3.79 -17.00
N LEU A 205 11.97 -3.66 -16.01
CA LEU A 205 10.86 -2.71 -16.10
C LEU A 205 11.39 -1.28 -16.14
N ILE A 206 12.40 -0.97 -15.33
CA ILE A 206 12.93 0.39 -15.27
C ILE A 206 13.64 0.73 -16.59
N ASP A 207 14.31 -0.25 -17.19
CA ASP A 207 14.90 -0.08 -18.53
C ASP A 207 13.88 0.54 -19.48
N VAL A 208 12.69 -0.06 -19.51
CA VAL A 208 11.60 0.37 -20.39
C VAL A 208 11.04 1.74 -20.00
N ILE A 209 10.74 1.91 -18.71
CA ILE A 209 10.22 3.17 -18.19
C ILE A 209 11.14 4.34 -18.52
N GLU A 210 12.45 4.14 -18.33
CA GLU A 210 13.45 5.13 -18.69
C GLU A 210 13.46 5.39 -20.20
N ALA A 211 13.58 4.34 -20.99
CA ALA A 211 13.72 4.48 -22.44
C ALA A 211 12.51 5.13 -23.08
N ARG A 212 11.32 4.79 -22.57
CA ARG A 212 10.09 5.29 -23.18
C ARG A 212 9.62 6.62 -22.58
N GLU A 213 10.40 7.14 -21.63
CA GLU A 213 10.11 8.44 -21.01
C GLU A 213 8.75 8.45 -20.34
N LEU A 214 8.46 7.38 -19.61
CA LEU A 214 7.21 7.27 -18.89
C LEU A 214 7.30 7.95 -17.52
N LEU A 215 6.14 8.11 -16.89
CA LEU A 215 6.04 8.70 -15.55
C LEU A 215 5.58 7.70 -14.52
N PRO A 216 6.54 7.02 -13.87
CA PRO A 216 6.20 6.04 -12.83
C PRO A 216 5.70 6.72 -11.55
N PHE A 217 4.54 6.24 -11.09
CA PHE A 217 3.98 6.65 -9.81
C PHE A 217 4.00 5.41 -8.92
N VAL A 218 4.99 5.34 -8.04
CA VAL A 218 5.13 4.18 -7.18
C VAL A 218 4.32 4.37 -5.90
N ASP A 219 3.51 3.37 -5.60
CA ASP A 219 2.65 3.34 -4.42
C ASP A 219 3.28 2.34 -3.43
N MET A 220 3.88 2.86 -2.36
CA MET A 220 4.52 2.02 -1.36
C MET A 220 3.78 2.14 -0.04
N ALA A 221 2.73 1.33 0.13
CA ALA A 221 1.86 1.46 1.27
C ALA A 221 2.26 0.52 2.41
N TYR A 222 3.17 -0.41 2.12
CA TYR A 222 3.54 -1.44 3.09
C TYR A 222 5.04 -1.59 3.31
N GLN A 223 5.79 -0.50 3.30
CA GLN A 223 7.23 -0.60 3.52
C GLN A 223 7.50 -1.26 4.88
N GLY A 224 8.12 -2.42 4.85
CA GLY A 224 8.45 -3.14 6.07
C GLY A 224 7.74 -4.48 6.19
N PHE A 225 6.72 -4.69 5.36
CA PHE A 225 5.91 -5.92 5.44
C PHE A 225 6.29 -7.02 4.44
N GLY A 226 7.25 -6.77 3.57
CA GLY A 226 7.64 -7.78 2.60
C GLY A 226 8.96 -8.44 2.97
N ALA A 227 10.03 -7.67 2.90
CA ALA A 227 11.37 -8.17 3.21
C ALA A 227 12.17 -7.15 4.02
N GLY A 228 11.48 -6.31 4.77
CA GLY A 228 12.16 -5.31 5.58
C GLY A 228 12.13 -3.95 4.90
N LEU A 229 12.43 -2.90 5.65
CA LEU A 229 12.26 -1.53 5.17
C LEU A 229 13.09 -1.22 3.93
N ASP A 230 14.34 -1.69 3.90
CA ASP A 230 15.24 -1.36 2.81
C ASP A 230 14.91 -2.10 1.51
N ALA A 231 14.74 -3.41 1.60
CA ALA A 231 14.43 -4.21 0.41
C ALA A 231 13.08 -3.84 -0.17
N ASP A 232 12.13 -3.50 0.70
CA ASP A 232 10.79 -3.13 0.24
C ASP A 232 10.82 -1.85 -0.60
N ALA A 233 11.82 -1.00 -0.37
CA ALA A 233 11.93 0.24 -1.13
C ALA A 233 12.86 0.17 -2.35
N PHE A 234 13.27 -1.05 -2.74
CA PHE A 234 14.24 -1.22 -3.83
C PHE A 234 13.82 -0.52 -5.12
N ALA A 235 12.55 -0.68 -5.50
CA ALA A 235 12.06 -0.10 -6.75
C ALA A 235 12.21 1.42 -6.76
N VAL A 236 11.85 2.04 -5.63
CA VAL A 236 11.94 3.48 -5.47
C VAL A 236 13.39 3.94 -5.52
N ARG A 237 14.25 3.25 -4.77
CA ARG A 237 15.65 3.65 -4.65
C ARG A 237 16.40 3.42 -5.97
N GLU A 238 16.08 2.34 -6.67
CA GLU A 238 16.74 2.06 -7.95
C GLU A 238 16.27 3.02 -9.06
N LEU A 239 14.98 3.35 -9.09
CA LEU A 239 14.49 4.38 -10.01
C LEU A 239 15.21 5.71 -9.79
N ALA A 240 15.34 6.10 -8.53
CA ALA A 240 15.99 7.35 -8.18
C ALA A 240 17.51 7.34 -8.44
N ARG A 241 18.18 6.21 -8.18
CA ARG A 241 19.61 6.12 -8.49
C ARG A 241 19.87 6.29 -9.99
N ARG A 242 18.90 5.87 -10.79
CA ARG A 242 19.07 5.89 -12.24
C ARG A 242 18.54 7.18 -12.85
N GLY A 243 18.08 8.09 -12.00
CA GLY A 243 17.66 9.41 -12.42
C GLY A 243 16.31 9.49 -13.11
N VAL A 244 15.46 8.50 -12.90
CA VAL A 244 14.15 8.46 -13.54
C VAL A 244 13.15 9.35 -12.81
N PRO A 245 12.44 10.22 -13.56
CA PRO A 245 11.36 11.03 -12.97
C PRO A 245 10.32 10.16 -12.31
N THR A 246 10.22 10.21 -10.98
CA THR A 246 9.38 9.27 -10.26
C THR A 246 8.58 9.96 -9.16
N LEU A 247 7.30 9.64 -9.05
CA LEU A 247 6.54 10.07 -7.89
C LEU A 247 6.41 8.87 -6.98
N VAL A 248 6.54 9.10 -5.67
CA VAL A 248 6.42 8.04 -4.69
C VAL A 248 5.43 8.40 -3.59
N ALA A 249 4.35 7.63 -3.50
CA ALA A 249 3.41 7.78 -2.40
C ALA A 249 3.66 6.70 -1.34
N ASN A 250 4.02 7.10 -0.12
CA ASN A 250 4.22 6.13 0.95
C ASN A 250 3.25 6.39 2.12
N SER A 251 2.75 5.30 2.68
CA SER A 251 1.77 5.35 3.77
C SER A 251 2.37 4.87 5.08
N PHE A 252 1.97 5.53 6.17
CA PHE A 252 2.34 5.08 7.51
C PHE A 252 1.15 4.46 8.23
N SER A 253 0.04 4.27 7.51
CA SER A 253 -1.16 3.67 8.11
C SER A 253 -0.89 2.26 8.63
N ASN A 255 2.33 0.40 8.60
CA ASN A 255 3.56 0.11 9.34
C ASN A 255 3.76 0.94 10.61
N PHE A 256 2.87 1.89 10.89
CA PHE A 256 2.85 2.54 12.20
C PHE A 256 1.58 2.16 12.95
N SER A 257 0.69 1.44 12.27
CA SER A 257 -0.62 1.11 12.82
C SER A 257 -1.38 2.39 13.16
N LEU A 258 -1.21 3.40 12.34
CA LEU A 258 -1.81 4.71 12.56
C LEU A 258 -2.84 5.06 11.49
N TYR A 259 -3.60 4.06 11.05
CA TYR A 259 -4.61 4.22 10.01
C TYR A 259 -5.43 5.50 10.19
N GLY A 260 -5.96 5.69 11.40
CA GLY A 260 -6.90 6.76 11.65
C GLY A 260 -6.32 8.13 11.94
N GLU A 261 -5.00 8.24 11.92
CA GLU A 261 -4.37 9.55 12.10
C GLU A 261 -3.83 10.10 10.79
N ARG A 262 -4.08 9.38 9.71
CA ARG A 262 -3.83 9.84 8.33
C ARG A 262 -2.45 10.46 8.12
N VAL A 263 -1.43 9.61 8.08
CA VAL A 263 -0.07 10.07 7.88
C VAL A 263 0.62 9.32 6.74
N GLY A 264 1.23 10.08 5.85
CA GLY A 264 1.93 9.53 4.71
C GLY A 264 2.87 10.56 4.12
N GLY A 265 3.52 10.21 3.02
CA GLY A 265 4.37 11.14 2.32
C GLY A 265 4.21 11.09 0.81
N LEU A 266 4.55 12.19 0.15
CA LEU A 266 4.67 12.20 -1.29
C LEU A 266 6.06 12.71 -1.65
N SER A 267 6.79 11.94 -2.44
CA SER A 267 8.10 12.36 -2.93
C SER A 267 8.13 12.33 -4.44
N VAL A 268 8.73 13.37 -5.02
CA VAL A 268 8.95 13.40 -6.45
C VAL A 268 10.44 13.57 -6.74
N VAL A 269 10.99 12.66 -7.55
CA VAL A 269 12.41 12.68 -7.91
C VAL A 269 12.59 13.42 -9.23
N CYS A 270 13.38 14.48 -9.21
CA CYS A 270 13.48 15.39 -10.36
C CYS A 270 14.89 15.43 -10.96
N GLU A 271 15.02 16.07 -12.12
CA GLU A 271 16.28 16.04 -12.85
C GLU A 271 17.41 16.81 -12.17
N ASP A 272 17.06 17.85 -11.40
CA ASP A 272 18.05 18.53 -10.56
C ASP A 272 17.39 19.24 -9.38
N ALA A 273 18.19 19.86 -8.52
CA ALA A 273 17.65 20.49 -7.31
C ALA A 273 16.74 21.67 -7.65
N ALA A 274 17.08 22.40 -8.71
CA ALA A 274 16.27 23.52 -9.15
C ALA A 274 14.87 23.05 -9.50
N ALA A 275 14.79 22.00 -10.30
CA ALA A 275 13.52 21.40 -10.69
C ALA A 275 12.74 20.89 -9.47
N ALA A 276 13.44 20.25 -8.53
CA ALA A 276 12.80 19.70 -7.33
C ALA A 276 12.12 20.80 -6.52
N GLU A 277 12.74 21.98 -6.46
CA GLU A 277 12.19 23.09 -5.71
CA GLU A 277 12.18 23.10 -5.72
C GLU A 277 10.96 23.70 -6.42
N ARG A 278 10.98 23.73 -7.75
CA ARG A 278 9.82 24.23 -8.49
C ARG A 278 8.66 23.25 -8.32
N VAL A 279 8.98 21.96 -8.39
CA VAL A 279 7.96 20.94 -8.20
C VAL A 279 7.38 21.01 -6.79
N LEU A 280 8.23 21.16 -5.77
CA LEU A 280 7.74 21.22 -4.39
C LEU A 280 6.74 22.36 -4.21
N GLY A 281 7.04 23.50 -4.84
CA GLY A 281 6.15 24.65 -4.77
C GLY A 281 4.80 24.37 -5.39
N GLN A 282 4.77 23.61 -6.48
CA GLN A 282 3.51 23.32 -7.15
C GLN A 282 2.75 22.21 -6.44
N LEU A 283 3.48 21.34 -5.73
CA LEU A 283 2.83 20.36 -4.89
C LEU A 283 2.16 21.08 -3.70
N ALA A 284 2.84 22.07 -3.14
CA ALA A 284 2.25 22.95 -2.12
C ALA A 284 1.01 23.66 -2.68
N GLY A 285 1.08 24.04 -3.96
CA GLY A 285 -0.07 24.62 -4.66
C GLY A 285 -1.26 23.69 -4.69
N ALA A 286 -1.03 22.41 -4.94
CA ALA A 286 -2.09 21.42 -4.93
C ALA A 286 -2.71 21.30 -3.55
N VAL A 287 -1.86 21.31 -2.53
CA VAL A 287 -2.31 21.30 -1.14
C VAL A 287 -3.16 22.54 -0.80
N ARG A 288 -2.71 23.71 -1.27
CA ARG A 288 -3.43 24.97 -1.02
C ARG A 288 -4.84 24.94 -1.62
N SER A 289 -5.00 24.22 -2.72
CA SER A 289 -6.27 24.15 -3.42
C SER A 289 -7.17 23.09 -2.78
N ASN A 290 -6.63 22.40 -1.78
CA ASN A 290 -7.30 21.24 -1.20
C ASN A 290 -7.63 21.46 0.28
N TYR A 291 -6.63 21.26 1.16
CA TYR A 291 -6.88 21.36 2.60
C TYR A 291 -5.97 22.38 3.31
N SER A 292 -5.30 23.23 2.52
CA SER A 292 -4.45 24.35 3.00
C SER A 292 -3.13 23.92 3.62
N ASN A 293 -3.19 22.99 4.58
CA ASN A 293 -2.00 22.49 5.26
C ASN A 293 -2.37 21.28 6.11
N PRO A 294 -1.41 20.37 6.37
CA PRO A 294 -1.73 19.09 7.02
C PRO A 294 -1.73 19.18 8.55
N GLN A 295 -2.12 18.09 9.21
CA GLN A 295 -2.31 18.10 10.66
C GLN A 295 -1.05 17.75 11.42
N THR A 296 -1.08 18.05 12.72
CA THR A 296 0.14 18.09 13.52
C THR A 296 0.37 16.80 14.31
N TYR A 297 -0.70 16.28 14.92
CA TYR A 297 -0.55 15.22 15.90
C TYR A 297 0.20 13.99 15.35
N GLY A 298 -0.39 13.32 14.37
CA GLY A 298 0.21 12.14 13.77
C GLY A 298 1.64 12.34 13.23
N ALA A 299 1.89 13.49 12.62
CA ALA A 299 3.22 13.78 12.08
C ALA A 299 4.27 13.96 13.19
N LYS A 300 3.88 14.57 14.31
CA LYS A 300 4.75 14.69 15.47
C LYS A 300 5.12 13.31 16.01
N VAL A 301 4.14 12.41 16.07
CA VAL A 301 4.38 11.05 16.55
C VAL A 301 5.37 10.33 15.64
N VAL A 302 5.09 10.36 14.34
CA VAL A 302 5.96 9.70 13.37
C VAL A 302 7.36 10.30 13.37
N ALA A 303 7.45 11.63 13.37
CA ALA A 303 8.75 12.29 13.40
C ALA A 303 9.54 11.96 14.67
N ALA A 304 8.83 11.86 15.79
CA ALA A 304 9.47 11.53 17.06
C ALA A 304 9.99 10.09 17.05
N VAL A 305 9.24 9.18 16.44
CA VAL A 305 9.66 7.78 16.38
C VAL A 305 10.86 7.62 15.45
N LEU A 306 10.76 8.15 14.24
CA LEU A 306 11.83 8.02 13.26
C LEU A 306 13.12 8.75 13.65
N GLY A 307 12.98 9.87 14.36
CA GLY A 307 14.13 10.72 14.67
C GLY A 307 14.76 10.50 16.04
N THR A 308 14.15 9.65 16.86
CA THR A 308 14.71 9.31 18.16
C THR A 308 15.25 7.87 18.11
N PRO A 309 16.59 7.73 18.13
CA PRO A 309 17.24 6.42 17.86
C PRO A 309 16.69 5.26 18.69
N ALA A 310 16.45 5.48 19.98
CA ALA A 310 15.84 4.44 20.81
C ALA A 310 14.47 4.03 20.27
N LEU A 311 13.65 5.03 19.92
CA LEU A 311 12.31 4.74 19.41
C LEU A 311 12.36 4.18 17.99
N ARG A 312 13.29 4.69 17.19
CA ARG A 312 13.46 4.20 15.82
C ARG A 312 13.79 2.72 15.83
N LYS A 313 14.66 2.32 16.75
CA LYS A 313 15.03 0.91 16.89
C LYS A 313 13.86 0.05 17.36
N GLN A 314 13.13 0.54 18.35
CA GLN A 314 11.99 -0.17 18.89
C GLN A 314 10.90 -0.34 17.84
N TRP A 315 10.70 0.69 17.04
CA TRP A 315 9.74 0.62 15.95
C TRP A 315 10.15 -0.40 14.87
N GLU A 316 11.39 -0.32 14.40
CA GLU A 316 11.85 -1.24 13.36
C GLU A 316 11.78 -2.69 13.83
N GLU A 317 12.10 -2.90 15.10
CA GLU A 317 12.05 -4.24 15.68
C GLU A 317 10.63 -4.81 15.68
N GLU A 318 9.66 -4.03 16.13
CA GLU A 318 8.28 -4.52 16.20
C GLU A 318 7.72 -4.75 14.80
N LEU A 319 8.05 -3.85 13.87
CA LEU A 319 7.61 -3.98 12.49
C LEU A 319 8.20 -5.24 11.83
N SER A 320 9.45 -5.55 12.16
CA SER A 320 10.08 -6.75 11.61
C SER A 320 9.44 -8.01 12.21
N ALA A 321 9.05 -7.93 13.48
CA ALA A 321 8.31 -9.04 14.11
C ALA A 321 6.93 -9.21 13.47
N MET A 322 6.29 -8.10 13.10
CA MET A 322 5.03 -8.14 12.35
C MET A 322 5.24 -8.80 11.00
N CYS A 323 6.29 -8.39 10.31
CA CYS A 323 6.66 -8.97 9.03
C CYS A 323 6.85 -10.48 9.15
N ARG A 324 7.56 -10.92 10.19
CA ARG A 324 7.82 -12.35 10.38
C ARG A 324 6.57 -13.13 10.78
N ARG A 325 5.67 -12.49 11.53
CA ARG A 325 4.43 -13.16 11.94
C ARG A 325 3.56 -13.50 10.72
N ILE A 326 3.45 -12.57 9.77
CA ILE A 326 2.74 -12.83 8.53
C ILE A 326 3.39 -13.99 7.78
N ALA A 327 4.72 -13.99 7.69
CA ALA A 327 5.42 -15.07 6.99
C ALA A 327 5.18 -16.42 7.67
N ARG A 328 5.12 -16.42 9.00
CA ARG A 328 4.82 -17.63 9.74
CA ARG A 328 4.81 -17.63 9.75
C ARG A 328 3.41 -18.12 9.43
N MET A 329 2.46 -17.20 9.31
CA MET A 329 1.09 -17.58 8.99
C MET A 329 0.99 -18.11 7.56
N ARG A 330 1.77 -17.53 6.65
CA ARG A 330 1.79 -18.03 5.28
C ARG A 330 2.27 -19.48 5.26
N GLN A 331 3.34 -19.76 6.00
CA GLN A 331 3.88 -21.11 6.06
C GLN A 331 2.89 -22.06 6.77
N SER A 332 2.24 -21.58 7.84
CA SER A 332 1.30 -22.39 8.61
C SER A 332 0.08 -22.79 7.79
N ILE A 333 -0.49 -21.84 7.03
CA ILE A 333 -1.65 -22.17 6.21
C ILE A 333 -1.21 -23.06 5.04
N HIS A 334 -0.03 -22.78 4.46
CA HIS A 334 0.52 -23.63 3.41
C HIS A 334 0.60 -25.08 3.87
N ASP A 335 1.25 -25.31 5.00
CA ASP A 335 1.43 -26.65 5.53
C ASP A 335 0.09 -27.29 5.90
N GLY A 336 -0.84 -26.48 6.40
CA GLY A 336 -2.17 -26.97 6.71
C GLY A 336 -2.94 -27.44 5.49
N LEU A 337 -2.73 -26.75 4.37
CA LEU A 337 -3.39 -27.08 3.10
C LEU A 337 -2.78 -28.33 2.45
N ARG A 338 -1.50 -28.55 2.70
CA ARG A 338 -0.80 -29.71 2.16
C ARG A 338 -1.40 -30.98 2.76
N ASP A 339 -1.87 -30.88 3.99
CA ASP A 339 -2.54 -32.00 4.67
C ASP A 339 -3.84 -32.38 3.96
N HIS A 340 -4.40 -31.43 3.21
CA HIS A 340 -5.49 -31.69 2.29
C HIS A 340 -4.96 -31.67 0.88
N VAL A 341 -5.78 -31.22 -0.06
CA VAL A 341 -5.36 -31.06 -1.44
C VAL A 341 -4.24 -30.02 -1.55
N ALA A 345 -0.74 -26.96 -6.17
CA ALA A 345 -0.09 -25.65 -6.14
C ALA A 345 -0.59 -24.80 -4.97
N LEU A 346 0.03 -25.02 -3.81
CA LEU A 346 -0.17 -24.17 -2.65
C LEU A 346 0.95 -23.15 -2.60
N THR A 347 1.74 -23.13 -3.68
CA THR A 347 2.93 -22.30 -3.75
C THR A 347 2.60 -20.83 -3.55
N ARG A 348 1.44 -20.41 -4.06
CA ARG A 348 1.04 -19.01 -4.01
C ARG A 348 1.04 -18.47 -2.58
N TYR A 349 0.67 -19.30 -1.61
CA TYR A 349 0.58 -18.84 -0.22
C TYR A 349 1.92 -18.43 0.39
N VAL A 350 3.01 -19.01 -0.09
CA VAL A 350 4.32 -18.66 0.42
C VAL A 350 5.10 -17.78 -0.55
N LYS A 351 4.65 -17.75 -1.81
CA LYS A 351 5.29 -16.94 -2.85
C LYS A 351 4.74 -15.52 -2.85
N GLN A 352 3.45 -15.38 -2.62
CA GLN A 352 2.86 -14.06 -2.52
C GLN A 352 3.34 -13.39 -1.23
N ARG A 353 3.21 -12.07 -1.15
CA ARG A 353 3.83 -11.33 -0.06
C ARG A 353 2.97 -10.19 0.47
N GLY A 354 3.21 -9.80 1.72
CA GLY A 354 2.49 -8.70 2.34
C GLY A 354 1.25 -9.17 3.05
N MET A 355 0.27 -8.29 3.20
CA MET A 355 -0.91 -8.66 3.97
C MET A 355 -1.96 -9.43 3.19
N PHE A 356 -1.82 -9.48 1.87
CA PHE A 356 -2.87 -10.10 1.06
C PHE A 356 -2.42 -11.29 0.25
N THR A 357 -3.36 -12.18 -0.01
CA THR A 357 -3.14 -13.26 -0.95
C THR A 357 -4.38 -13.42 -1.82
N TYR A 358 -4.15 -13.61 -3.11
CA TYR A 358 -5.21 -13.99 -4.03
C TYR A 358 -5.31 -15.51 -4.01
N THR A 359 -6.33 -16.03 -3.34
CA THR A 359 -6.44 -17.47 -3.13
C THR A 359 -6.74 -18.22 -4.42
N GLY A 360 -7.29 -17.52 -5.41
CA GLY A 360 -7.68 -18.17 -6.64
C GLY A 360 -8.98 -18.94 -6.51
N LEU A 361 -9.63 -18.83 -5.35
CA LEU A 361 -10.93 -19.46 -5.15
C LEU A 361 -11.98 -18.78 -6.02
N THR A 362 -12.88 -19.56 -6.61
CA THR A 362 -13.96 -19.00 -7.44
C THR A 362 -14.94 -18.27 -6.56
N GLU A 363 -15.84 -17.48 -7.15
CA GLU A 363 -16.84 -16.76 -6.37
C GLU A 363 -17.74 -17.75 -5.64
N SER A 364 -18.09 -18.85 -6.31
CA SER A 364 -18.83 -19.95 -5.68
C SER A 364 -18.08 -20.53 -4.48
N GLN A 365 -16.79 -20.76 -4.65
CA GLN A 365 -15.97 -21.32 -3.58
C GLN A 365 -15.88 -20.35 -2.40
N VAL A 366 -15.88 -19.05 -2.71
CA VAL A 366 -15.90 -18.04 -1.66
C VAL A 366 -17.22 -18.11 -0.90
N ASP A 367 -18.31 -18.34 -1.62
CA ASP A 367 -19.63 -18.50 -0.99
C ASP A 367 -19.63 -19.71 -0.08
N ALA A 368 -19.12 -20.82 -0.58
CA ALA A 368 -19.05 -22.06 0.19
C ALA A 368 -18.21 -21.87 1.44
N LEU A 369 -17.04 -21.26 1.28
CA LEU A 369 -16.14 -20.97 2.41
C LEU A 369 -16.88 -20.24 3.52
N ARG A 370 -17.69 -19.25 3.14
CA ARG A 370 -18.47 -18.47 4.10
C ARG A 370 -19.63 -19.26 4.69
N GLU A 371 -20.51 -19.74 3.81
CA GLU A 371 -21.77 -20.32 4.26
C GLU A 371 -21.56 -21.66 4.96
N VAL A 372 -20.67 -22.49 4.42
CA VAL A 372 -20.44 -23.80 5.01
C VAL A 372 -19.40 -23.77 6.13
N HIS A 373 -18.31 -23.05 5.93
CA HIS A 373 -17.18 -23.16 6.85
C HIS A 373 -16.98 -21.92 7.73
N GLY A 374 -17.87 -20.94 7.60
CA GLY A 374 -17.80 -19.72 8.40
C GLY A 374 -16.52 -18.92 8.28
N VAL A 375 -15.82 -19.06 7.15
CA VAL A 375 -14.60 -18.31 6.91
C VAL A 375 -14.85 -17.25 5.83
N TYR A 376 -14.57 -15.99 6.15
CA TYR A 376 -14.97 -14.89 5.30
C TYR A 376 -13.80 -14.22 4.57
N ILE A 377 -13.81 -14.30 3.24
CA ILE A 377 -12.87 -13.57 2.40
C ILE A 377 -13.66 -12.83 1.31
N LEU A 378 -12.99 -11.99 0.52
CA LEU A 378 -13.69 -11.20 -0.48
C LEU A 378 -14.14 -12.03 -1.66
N ARG A 379 -15.13 -11.54 -2.39
CA ARG A 379 -15.65 -12.21 -3.58
C ARG A 379 -14.55 -12.46 -4.61
N SER A 380 -13.53 -11.60 -4.62
CA SER A 380 -12.41 -11.74 -5.53
C SER A 380 -11.46 -12.88 -5.17
N GLY A 381 -11.61 -13.39 -3.94
CA GLY A 381 -10.73 -14.43 -3.45
C GLY A 381 -9.59 -13.85 -2.66
N ARG A 382 -9.64 -12.54 -2.41
CA ARG A 382 -8.59 -11.90 -1.62
C ARG A 382 -8.74 -12.29 -0.15
N MET A 383 -7.66 -12.80 0.44
CA MET A 383 -7.64 -13.00 1.88
C MET A 383 -6.60 -12.07 2.51
N CYS A 384 -6.94 -11.52 3.67
CA CYS A 384 -5.95 -10.79 4.45
C CYS A 384 -5.22 -11.77 5.36
N VAL A 385 -3.99 -12.10 4.99
CA VAL A 385 -3.15 -13.04 5.74
C VAL A 385 -2.93 -12.57 7.17
N ALA A 386 -2.90 -11.25 7.38
CA ALA A 386 -2.70 -10.70 8.72
C ALA A 386 -3.86 -11.03 9.66
N GLY A 387 -4.99 -11.44 9.11
CA GLY A 387 -6.13 -11.85 9.91
C GLY A 387 -5.97 -13.24 10.51
N LEU A 388 -4.92 -13.93 10.09
CA LEU A 388 -4.59 -15.26 10.60
C LEU A 388 -3.76 -15.19 11.87
N ASN A 389 -4.08 -16.04 12.83
CA ASN A 389 -3.28 -16.20 14.03
C ASN A 389 -3.38 -17.64 14.49
N ASP A 390 -2.75 -17.98 15.62
CA ASP A 390 -2.76 -19.37 16.08
C ASP A 390 -4.16 -19.84 16.42
N SER A 391 -5.06 -18.91 16.73
CA SER A 391 -6.42 -19.29 17.10
C SER A 391 -7.24 -19.77 15.90
N ASN A 392 -6.86 -19.37 14.68
CA ASN A 392 -7.70 -19.68 13.53
C ASN A 392 -7.03 -20.27 12.28
N VAL A 393 -5.70 -20.29 12.24
CA VAL A 393 -5.02 -20.69 11.00
C VAL A 393 -5.30 -22.17 10.67
N GLY A 394 -5.44 -23.02 11.68
CA GLY A 394 -5.82 -24.40 11.44
C GLY A 394 -7.22 -24.51 10.88
N ILE A 395 -8.15 -23.75 11.47
CA ILE A 395 -9.54 -23.70 11.04
C ILE A 395 -9.64 -23.26 9.58
N VAL A 396 -8.89 -22.24 9.23
CA VAL A 396 -8.87 -21.71 7.87
C VAL A 396 -8.28 -22.71 6.86
N ALA A 397 -7.12 -23.26 7.17
CA ALA A 397 -6.46 -24.20 6.27
C ALA A 397 -7.34 -25.43 6.02
N ASP A 398 -8.03 -25.88 7.05
CA ASP A 398 -8.95 -27.01 6.95
C ASP A 398 -10.12 -26.67 6.01
N ALA A 399 -10.70 -25.50 6.24
CA ALA A 399 -11.81 -24.99 5.44
C ALA A 399 -11.45 -24.89 3.96
N ILE A 400 -10.39 -24.13 3.65
CA ILE A 400 -9.96 -23.92 2.27
C ILE A 400 -9.52 -25.24 1.62
N GLY A 401 -8.82 -26.07 2.37
CA GLY A 401 -8.42 -27.38 1.89
C GLY A 401 -9.60 -28.23 1.45
N LYS A 402 -10.65 -28.26 2.28
CA LYS A 402 -11.86 -29.02 1.95
C LYS A 402 -12.56 -28.44 0.73
N VAL A 403 -12.66 -27.11 0.66
CA VAL A 403 -13.34 -26.47 -0.46
C VAL A 403 -12.59 -26.73 -1.77
N LEU A 404 -11.26 -26.57 -1.74
CA LEU A 404 -10.45 -26.82 -2.94
C LEU A 404 -10.52 -28.29 -3.36
N LYS A 405 -10.42 -29.20 -2.39
CA LYS A 405 -10.42 -30.63 -2.70
C LYS A 405 -11.73 -31.09 -3.31
N SER A 406 -12.83 -30.58 -2.78
CA SER A 406 -14.17 -30.96 -3.24
CA SER A 406 -14.16 -30.97 -3.25
C SER A 406 -14.40 -30.54 -4.69
N GLY A 407 -13.52 -29.68 -5.21
CA GLY A 407 -13.57 -29.30 -6.61
C GLY A 407 -14.36 -28.02 -6.85
N ALA A 408 -14.03 -27.32 -7.93
CA ALA A 408 -14.75 -26.12 -8.33
C ALA A 408 -16.07 -26.49 -9.01
#